data_1NQG
#
_entry.id   1NQG
#
_cell.length_a   81.632
_cell.length_b   81.632
_cell.length_c   225.685
_cell.angle_alpha   90.00
_cell.angle_beta   90.00
_cell.angle_gamma   120.00
#
_symmetry.space_group_name_H-M   'P 31 2 1'
#
loop_
_entity.id
_entity.type
_entity.pdbx_description
1 polymer 'vitamin b12 receptor'
2 non-polymer 'CALCIUM ION'
3 non-polymer (HYDROXYETHYLOXY)TRI(ETHYLOXY)OCTANE
#
_entity_poly.entity_id   1
_entity_poly.type   'polypeptide(L)'
_entity_poly.pdbx_seq_one_letter_code
;QDTSPDTLVVTANRFEQPRSTVLAPTTVVTRQDIDRWQSTSVNDVLRRLPGVDITQNGGSGQLSSIFIRGTNASHVLVLI
DGVRLNLAGVSGSADLSQFPIALVQRVEYIRGPRSAVYGSDAIGGVVNIITTRDEPGTEISAGWGSNSYQNYDVSTQQQL
GDKTRVTLLGDYAHTHGYDVVAYGNTGTQAQTDNDGFLSKTLYGALEHNFTDAWSGFVRGYGYDNRTNYDAYYSPGSPLL
DTRKLYSQSWDAGLRYNGELIKSQLITSYSHSKDYNYDPHYGRYDSSATLDEMKQYTVQWANNVIVGHGSIGAGVDWQKQ
TTTPGTGYVEDGYDQRNTGIYLTGLQQVGDFTFEGAARSDDNSQFGRHGTWQTSAGWEFIEGYRFIASYGTSYKAPNLGQ
LYGFYGNPNLDPEKSKQWEGAFEGLTAGVNWRISGYRNDVSDLIDYDDHTLKYYNEGKARIKGVEATANFDTGPLTHTVS
YDYVDARNAITDTPLLRRAKQQVKYQLDWQLYDFDWGITYQYLGTRYDKDYSSYPYQTVKMGGVSLWDLAVAYPVTSHLT
VRGKIANLFDKDYETVYGYQTAGREYTLSGSYTF
;
_entity_poly.pdbx_strand_id   A
#
loop_
_chem_comp.id
_chem_comp.type
_chem_comp.name
_chem_comp.formula
C8E non-polymer (HYDROXYETHYLOXY)TRI(ETHYLOXY)OCTANE 'C16 H34 O5'
CA non-polymer 'CALCIUM ION' 'Ca 2'
#
# COMPACT_ATOMS: atom_id res chain seq x y z
N ASP A 6 -17.89 0.15 -0.55
CA ASP A 6 -18.39 0.86 -1.75
C ASP A 6 -18.04 0.18 -3.05
N THR A 7 -18.75 0.54 -4.10
CA THR A 7 -18.48 0.03 -5.41
C THR A 7 -18.02 1.05 -6.40
N LEU A 8 -17.65 2.22 -5.93
CA LEU A 8 -17.07 3.19 -6.85
C LEU A 8 -15.74 3.67 -6.36
N VAL A 9 -14.67 3.29 -7.01
CA VAL A 9 -13.41 3.87 -6.61
C VAL A 9 -13.08 5.14 -7.23
N VAL A 10 -11.89 5.64 -6.93
CA VAL A 10 -11.32 6.82 -7.57
C VAL A 10 -9.93 6.66 -8.16
N THR A 11 -9.08 6.07 -7.39
CA THR A 11 -7.82 5.62 -7.89
C THR A 11 -7.64 5.23 -9.36
N ALA A 12 -8.62 4.68 -10.04
CA ALA A 12 -8.31 4.24 -11.41
C ALA A 12 -7.90 5.30 -12.41
N ASN A 13 -8.61 6.43 -12.36
CA ASN A 13 -8.33 7.50 -13.26
C ASN A 13 -8.31 8.82 -12.57
N ARG A 14 -8.28 8.82 -11.26
CA ARG A 14 -8.27 10.03 -10.48
C ARG A 14 -9.62 10.58 -10.06
N PHE A 15 -10.65 10.35 -10.84
CA PHE A 15 -11.94 10.89 -10.52
C PHE A 15 -12.92 9.74 -10.25
N GLU A 16 -14.01 9.92 -9.47
CA GLU A 16 -14.98 8.83 -9.22
C GLU A 16 -15.42 8.13 -10.46
N GLN A 17 -15.53 6.82 -10.39
CA GLN A 17 -16.15 5.98 -11.41
C GLN A 17 -16.52 4.71 -10.68
N PRO A 18 -17.53 3.99 -11.17
CA PRO A 18 -18.02 2.79 -10.52
C PRO A 18 -17.12 1.67 -10.84
N ARG A 19 -16.79 0.86 -9.83
CA ARG A 19 -15.78 -0.15 -9.99
C ARG A 19 -16.04 -1.07 -11.17
N SER A 20 -17.30 -1.46 -11.32
CA SER A 20 -17.69 -2.31 -12.39
C SER A 20 -17.12 -1.66 -13.67
N THR A 21 -16.85 -0.37 -13.63
CA THR A 21 -16.41 0.18 -14.84
C THR A 21 -14.88 0.00 -14.94
N VAL A 22 -14.26 -0.43 -13.87
CA VAL A 22 -12.84 -0.59 -13.93
C VAL A 22 -12.43 -2.02 -14.36
N LEU A 23 -11.80 -2.14 -15.53
CA LEU A 23 -11.50 -3.45 -16.14
C LEU A 23 -10.44 -4.20 -15.42
N ALA A 24 -9.69 -3.48 -14.62
CA ALA A 24 -8.62 -4.10 -13.89
C ALA A 24 -9.15 -4.54 -12.52
N PRO A 25 -8.52 -5.55 -11.96
CA PRO A 25 -8.98 -6.17 -10.73
C PRO A 25 -8.88 -5.18 -9.65
N THR A 26 -9.86 -5.04 -8.80
CA THR A 26 -9.66 -4.02 -7.87
C THR A 26 -10.33 -4.31 -6.60
N THR A 27 -9.88 -3.72 -5.53
CA THR A 27 -10.35 -4.08 -4.21
C THR A 27 -10.50 -2.90 -3.34
N VAL A 28 -11.45 -2.91 -2.44
CA VAL A 28 -11.65 -1.71 -1.69
C VAL A 28 -11.83 -2.04 -0.29
N VAL A 29 -11.18 -1.32 0.59
CA VAL A 29 -11.41 -1.65 1.92
C VAL A 29 -11.88 -0.47 2.59
N THR A 30 -12.92 -0.55 3.40
CA THR A 30 -13.34 0.61 4.16
C THR A 30 -13.06 0.64 5.60
N ARG A 31 -13.46 1.73 6.21
CA ARG A 31 -13.08 1.99 7.58
C ARG A 31 -13.97 1.06 8.41
N GLN A 32 -15.09 0.60 7.91
CA GLN A 32 -15.94 -0.26 8.72
C GLN A 32 -15.30 -1.66 8.75
N ASP A 33 -14.84 -2.10 7.59
CA ASP A 33 -13.96 -3.25 7.50
C ASP A 33 -12.83 -3.30 8.57
N ILE A 34 -11.94 -2.32 8.52
CA ILE A 34 -10.83 -2.29 9.42
C ILE A 34 -11.28 -2.39 10.88
N ASP A 35 -12.35 -1.72 11.26
CA ASP A 35 -12.73 -1.73 12.64
C ASP A 35 -13.20 -3.05 12.97
N ARG A 36 -13.63 -3.74 11.97
CA ARG A 36 -14.13 -5.05 12.23
C ARG A 36 -12.99 -5.95 12.32
N TRP A 37 -12.08 -5.71 11.41
CA TRP A 37 -10.95 -6.59 11.36
C TRP A 37 -10.09 -6.37 12.54
N GLN A 38 -10.21 -5.18 13.14
CA GLN A 38 -9.46 -4.81 14.35
C GLN A 38 -7.95 -4.68 14.07
N SER A 39 -7.58 -4.47 12.83
CA SER A 39 -6.19 -4.26 12.43
C SER A 39 -5.47 -3.17 13.18
N THR A 40 -4.21 -3.40 13.48
CA THR A 40 -3.47 -2.43 14.27
C THR A 40 -2.35 -1.95 13.47
N SER A 41 -2.44 -2.21 12.18
CA SER A 41 -1.43 -1.79 11.31
C SER A 41 -1.87 -1.88 9.83
N VAL A 42 -1.33 -1.05 8.97
CA VAL A 42 -1.79 -1.10 7.58
C VAL A 42 -1.45 -2.40 6.89
N ASN A 43 -0.31 -2.99 7.27
CA ASN A 43 0.11 -4.23 6.63
C ASN A 43 -0.96 -5.23 6.96
N ASP A 44 -1.62 -5.09 8.09
CA ASP A 44 -2.55 -6.13 8.47
C ASP A 44 -3.65 -6.10 7.51
N VAL A 45 -4.03 -4.91 7.13
CA VAL A 45 -5.10 -4.71 6.22
C VAL A 45 -4.69 -5.18 4.85
N LEU A 46 -3.58 -4.74 4.34
CA LEU A 46 -3.25 -5.15 3.01
C LEU A 46 -2.96 -6.66 2.89
N ARG A 47 -2.51 -7.28 3.98
CA ARG A 47 -2.09 -8.65 3.90
C ARG A 47 -3.25 -9.53 3.48
N ARG A 48 -4.43 -9.00 3.70
CA ARG A 48 -5.67 -9.69 3.35
C ARG A 48 -6.10 -9.78 1.92
N LEU A 49 -5.54 -8.93 1.06
CA LEU A 49 -6.13 -8.77 -0.22
C LEU A 49 -5.40 -9.45 -1.28
N PRO A 50 -6.02 -9.57 -2.41
CA PRO A 50 -5.43 -10.42 -3.43
C PRO A 50 -4.15 -9.84 -3.82
N GLY A 51 -3.25 -10.73 -4.14
CA GLY A 51 -2.02 -10.34 -4.77
C GLY A 51 -0.95 -9.74 -3.92
N VAL A 52 -1.20 -9.64 -2.64
CA VAL A 52 -0.27 -9.01 -1.69
C VAL A 52 0.57 -9.99 -0.90
N ASP A 53 1.88 -9.81 -0.96
CA ASP A 53 2.81 -10.61 -0.17
C ASP A 53 3.63 -9.70 0.62
N ILE A 54 3.38 -9.57 1.92
CA ILE A 54 4.17 -8.65 2.71
C ILE A 54 5.03 -9.34 3.75
N THR A 55 6.33 -8.98 3.81
CA THR A 55 7.33 -9.56 4.75
C THR A 55 7.72 -8.55 5.84
N GLN A 56 8.27 -9.02 6.94
CA GLN A 56 8.53 -8.10 8.02
C GLN A 56 9.55 -8.67 8.98
N ASN A 57 10.46 -7.79 9.34
CA ASN A 57 11.48 -8.00 10.34
C ASN A 57 10.83 -7.97 11.67
N GLY A 58 9.83 -8.81 11.82
CA GLY A 58 9.22 -8.97 13.10
C GLY A 58 7.89 -8.27 13.25
N GLY A 59 7.69 -7.79 14.45
CA GLY A 59 6.38 -7.27 14.68
C GLY A 59 6.29 -5.90 14.09
N SER A 60 5.39 -5.20 14.73
CA SER A 60 4.95 -3.91 14.37
C SER A 60 6.15 -2.93 14.40
N GLY A 61 6.16 -1.98 13.48
CA GLY A 61 7.23 -1.00 13.32
C GLY A 61 8.45 -1.43 12.52
N GLN A 62 8.69 -2.73 12.48
CA GLN A 62 9.83 -3.19 11.78
C GLN A 62 9.70 -3.07 10.30
N LEU A 63 10.82 -2.75 9.70
CA LEU A 63 10.83 -2.60 8.28
C LEU A 63 10.09 -3.68 7.65
N SER A 64 9.46 -3.37 6.54
CA SER A 64 8.69 -4.34 5.84
C SER A 64 8.65 -4.00 4.39
N SER A 65 8.27 -5.00 3.63
CA SER A 65 8.24 -4.95 2.19
C SER A 65 6.92 -5.51 1.63
N ILE A 66 6.36 -4.81 0.64
CA ILE A 66 5.09 -5.22 0.03
C ILE A 66 5.28 -5.76 -1.36
N PHE A 67 5.24 -7.07 -1.60
CA PHE A 67 5.39 -7.51 -3.00
C PHE A 67 3.97 -7.81 -3.57
N ILE A 68 3.58 -7.05 -4.59
CA ILE A 68 2.36 -7.27 -5.33
C ILE A 68 2.55 -8.07 -6.59
N ARG A 69 1.92 -9.22 -6.59
CA ARG A 69 1.91 -10.09 -7.70
C ARG A 69 3.25 -10.36 -8.24
N GLY A 70 4.10 -10.68 -7.33
CA GLY A 70 5.41 -11.07 -7.69
C GLY A 70 6.48 -10.07 -8.00
N THR A 71 6.15 -8.78 -8.04
CA THR A 71 7.13 -7.79 -8.44
C THR A 71 8.09 -7.37 -7.36
N ASN A 72 9.21 -6.77 -7.69
CA ASN A 72 10.04 -6.34 -6.59
C ASN A 72 9.30 -5.48 -5.65
N ALA A 73 9.84 -5.26 -4.44
CA ALA A 73 9.05 -4.50 -3.44
C ALA A 73 8.96 -3.04 -3.73
N SER A 74 9.72 -2.59 -4.70
CA SER A 74 9.69 -1.18 -5.05
C SER A 74 8.89 -1.03 -6.30
N HIS A 75 8.34 -2.11 -6.72
CA HIS A 75 7.46 -1.99 -7.82
C HIS A 75 6.00 -1.81 -7.51
N VAL A 76 5.67 -1.26 -6.35
CA VAL A 76 4.25 -0.96 -6.08
C VAL A 76 4.09 0.53 -5.79
N LEU A 77 3.16 1.23 -6.42
CA LEU A 77 2.96 2.60 -6.05
C LEU A 77 1.95 2.75 -4.92
N VAL A 78 2.43 3.33 -3.86
CA VAL A 78 1.57 3.62 -2.74
C VAL A 78 1.25 5.06 -2.70
N LEU A 79 -0.05 5.40 -2.73
CA LEU A 79 -0.42 6.80 -2.64
C LEU A 79 -1.21 6.99 -1.41
N ILE A 80 -1.01 8.15 -0.79
CA ILE A 80 -1.79 8.55 0.33
C ILE A 80 -2.53 9.70 -0.22
N ASP A 81 -3.85 9.56 -0.19
CA ASP A 81 -4.78 10.61 -0.60
C ASP A 81 -4.38 11.04 -1.97
N GLY A 82 -3.88 10.11 -2.74
CA GLY A 82 -3.70 10.45 -4.12
C GLY A 82 -2.29 10.69 -4.37
N VAL A 83 -1.54 10.93 -3.30
CA VAL A 83 -0.19 11.40 -3.51
C VAL A 83 0.91 10.45 -3.15
N ARG A 84 1.88 10.26 -4.04
CA ARG A 84 2.99 9.32 -3.80
C ARG A 84 3.52 9.32 -2.40
N LEU A 85 3.47 8.18 -1.71
CA LEU A 85 4.00 8.05 -0.37
C LEU A 85 5.31 8.63 -0.08
N ASN A 86 5.33 9.55 0.85
CA ASN A 86 6.56 10.23 1.23
C ASN A 86 7.65 9.33 1.83
N LEU A 87 7.28 8.59 2.85
CA LEU A 87 8.19 7.59 3.36
C LEU A 87 8.99 6.80 2.28
N ALA A 88 8.44 6.65 1.06
CA ALA A 88 9.08 5.80 0.04
C ALA A 88 10.22 6.51 -0.61
N GLY A 89 10.26 7.82 -0.41
CA GLY A 89 11.12 8.73 -1.15
C GLY A 89 12.62 8.52 -1.14
N VAL A 90 13.15 8.24 0.04
CA VAL A 90 14.57 8.18 0.15
C VAL A 90 15.03 6.95 -0.54
N SER A 91 14.46 5.82 -0.09
CA SER A 91 14.88 4.47 -0.52
C SER A 91 14.37 4.12 -1.96
N GLY A 92 13.42 4.88 -2.46
CA GLY A 92 12.80 4.43 -3.68
C GLY A 92 12.02 3.10 -3.41
N SER A 93 11.40 2.96 -2.25
CA SER A 93 10.59 1.75 -2.04
C SER A 93 9.70 1.86 -0.81
N ALA A 94 8.40 1.69 -1.10
CA ALA A 94 7.30 1.71 -0.16
C ALA A 94 7.28 0.69 0.96
N ASP A 95 7.16 1.24 2.18
CA ASP A 95 7.05 0.49 3.43
C ASP A 95 6.14 1.22 4.38
N LEU A 96 4.95 0.63 4.60
CA LEU A 96 3.90 1.27 5.30
C LEU A 96 4.06 0.96 6.72
N SER A 97 5.04 0.18 7.01
CA SER A 97 5.24 -0.18 8.40
C SER A 97 5.12 1.03 9.38
N GLN A 98 5.33 2.28 9.01
CA GLN A 98 5.27 3.33 10.02
C GLN A 98 4.10 4.22 9.93
N PHE A 99 3.34 4.03 8.85
CA PHE A 99 2.15 4.80 8.63
C PHE A 99 1.05 4.41 9.55
N PRO A 100 0.52 5.39 10.16
CA PRO A 100 -0.51 5.20 11.16
C PRO A 100 -1.83 4.72 10.66
N ILE A 101 -2.27 3.57 11.16
CA ILE A 101 -3.48 2.96 10.70
C ILE A 101 -4.61 3.86 11.16
N ALA A 102 -4.38 4.61 12.22
CA ALA A 102 -5.44 5.48 12.73
C ALA A 102 -5.80 6.54 11.75
N LEU A 103 -5.04 6.69 10.70
CA LEU A 103 -5.43 7.64 9.68
C LEU A 103 -6.20 6.96 8.54
N VAL A 104 -6.22 5.65 8.51
CA VAL A 104 -6.83 5.02 7.39
C VAL A 104 -8.30 5.00 7.44
N GLN A 105 -8.92 5.54 6.42
CA GLN A 105 -10.38 5.59 6.36
C GLN A 105 -10.81 4.71 5.24
N ARG A 106 -9.95 4.56 4.26
CA ARG A 106 -10.34 3.83 3.09
C ARG A 106 -9.16 3.48 2.32
N VAL A 107 -9.24 2.41 1.58
CA VAL A 107 -8.13 2.01 0.80
C VAL A 107 -8.59 1.52 -0.51
N GLU A 108 -7.83 1.80 -1.52
CA GLU A 108 -8.35 1.37 -2.77
C GLU A 108 -7.20 0.80 -3.47
N TYR A 109 -7.36 -0.33 -4.08
CA TYR A 109 -6.23 -1.07 -4.52
C TYR A 109 -6.64 -1.65 -5.85
N ILE A 110 -5.84 -1.36 -6.84
CA ILE A 110 -6.10 -1.73 -8.20
C ILE A 110 -4.84 -2.39 -8.67
N ARG A 111 -4.91 -3.64 -9.05
CA ARG A 111 -3.69 -4.33 -9.34
C ARG A 111 -3.40 -4.26 -10.76
N GLY A 112 -2.14 -4.41 -11.17
CA GLY A 112 -1.77 -4.19 -12.55
C GLY A 112 -1.11 -2.83 -12.77
N PRO A 113 -0.60 -2.56 -13.96
CA PRO A 113 0.19 -1.37 -14.20
C PRO A 113 -0.60 -0.08 -14.20
N ARG A 114 -0.12 1.02 -13.62
CA ARG A 114 -0.84 2.29 -13.80
C ARG A 114 0.17 3.40 -13.89
N SER A 115 1.26 3.25 -14.66
CA SER A 115 2.22 4.34 -14.67
C SER A 115 1.71 5.42 -15.55
N ALA A 116 0.89 4.92 -16.50
CA ALA A 116 0.30 5.71 -17.57
C ALA A 116 -0.72 6.61 -17.04
N VAL A 117 -0.89 6.48 -15.75
CA VAL A 117 -1.65 7.45 -15.11
C VAL A 117 -0.85 8.12 -14.05
N TYR A 118 -0.03 7.34 -13.43
CA TYR A 118 0.58 7.90 -12.26
C TYR A 118 2.03 8.06 -12.21
N GLY A 119 2.72 7.70 -13.28
CA GLY A 119 4.17 7.63 -13.21
C GLY A 119 4.89 6.41 -12.64
N SER A 120 6.10 6.67 -12.22
CA SER A 120 6.94 5.62 -11.77
C SER A 120 6.38 4.96 -10.57
N ASP A 121 6.72 3.67 -10.53
CA ASP A 121 6.40 2.65 -9.50
C ASP A 121 5.15 1.81 -9.67
N ALA A 122 4.26 2.19 -10.55
CA ALA A 122 3.05 1.45 -10.67
C ALA A 122 3.26 0.29 -11.59
N ILE A 123 3.87 -0.77 -11.09
CA ILE A 123 4.11 -1.90 -11.95
C ILE A 123 3.25 -3.09 -11.64
N GLY A 124 3.39 -3.61 -10.44
CA GLY A 124 2.52 -4.64 -9.88
C GLY A 124 1.10 -4.21 -9.72
N GLY A 125 0.89 -3.01 -9.18
CA GLY A 125 -0.40 -2.33 -9.06
C GLY A 125 -0.34 -1.10 -8.15
N VAL A 126 -1.46 -0.54 -7.72
CA VAL A 126 -1.40 0.70 -6.91
C VAL A 126 -2.08 0.62 -5.59
N VAL A 127 -1.64 1.43 -4.65
CA VAL A 127 -2.32 1.31 -3.38
C VAL A 127 -2.69 2.65 -2.86
N ASN A 128 -3.94 2.92 -2.72
CA ASN A 128 -4.27 4.26 -2.39
C ASN A 128 -4.94 4.35 -1.10
N ILE A 129 -4.22 4.90 -0.14
CA ILE A 129 -4.72 5.03 1.21
C ILE A 129 -5.38 6.35 1.38
N ILE A 130 -6.66 6.35 1.55
CA ILE A 130 -7.43 7.59 1.73
C ILE A 130 -7.81 7.99 3.17
N THR A 131 -7.56 9.24 3.52
CA THR A 131 -7.48 9.59 4.94
C THR A 131 -8.62 10.40 5.39
N THR A 132 -9.52 10.56 4.43
CA THR A 132 -10.69 11.41 4.47
C THR A 132 -12.00 10.71 4.70
N ARG A 133 -12.87 11.24 5.54
CA ARG A 133 -14.18 10.63 5.69
C ARG A 133 -15.30 11.58 5.80
N ASP A 134 -16.48 11.11 5.43
CA ASP A 134 -17.63 11.89 5.67
C ASP A 134 -18.36 11.16 6.73
N GLU A 135 -18.13 11.51 7.97
CA GLU A 135 -18.75 10.81 9.06
C GLU A 135 -18.70 11.69 10.28
N PRO A 136 -19.73 12.53 10.40
CA PRO A 136 -19.85 13.58 11.44
C PRO A 136 -20.02 13.05 12.85
N GLY A 137 -19.57 13.82 13.82
CA GLY A 137 -19.59 13.33 15.17
C GLY A 137 -18.18 13.19 15.71
N THR A 138 -18.13 12.81 16.99
CA THR A 138 -16.89 12.61 17.66
C THR A 138 -16.95 11.24 18.27
N GLU A 139 -15.79 10.61 18.37
CA GLU A 139 -15.68 9.20 18.72
C GLU A 139 -14.44 9.05 19.58
N ILE A 140 -14.56 8.27 20.66
CA ILE A 140 -13.45 8.01 21.55
C ILE A 140 -13.19 6.58 21.54
N SER A 141 -11.95 6.14 21.45
CA SER A 141 -11.75 4.72 21.48
C SER A 141 -10.37 4.39 21.92
N ALA A 142 -10.13 3.10 22.17
CA ALA A 142 -8.78 2.65 22.51
C ALA A 142 -8.80 1.18 22.85
N GLY A 143 -7.61 0.60 23.09
CA GLY A 143 -7.53 -0.83 23.39
C GLY A 143 -6.33 -1.37 24.14
N TRP A 144 -6.33 -2.65 24.48
CA TRP A 144 -5.34 -3.23 25.37
C TRP A 144 -4.93 -4.56 24.83
N GLY A 145 -3.66 -4.90 24.90
CA GLY A 145 -3.32 -6.20 24.40
C GLY A 145 -2.01 -6.81 24.76
N SER A 146 -1.87 -8.01 24.22
CA SER A 146 -0.86 -9.00 24.57
C SER A 146 0.62 -8.71 24.29
N ASN A 147 1.09 -7.52 24.59
CA ASN A 147 2.51 -7.28 24.70
C ASN A 147 2.64 -5.85 25.10
N SER A 148 1.86 -5.45 26.10
CA SER A 148 1.75 -4.07 26.51
C SER A 148 1.16 -3.22 25.36
N TYR A 149 0.47 -3.84 24.43
CA TYR A 149 -0.14 -3.06 23.37
C TYR A 149 -1.08 -2.07 23.99
N GLN A 150 -1.01 -0.82 23.64
CA GLN A 150 -1.96 0.07 24.24
C GLN A 150 -2.38 1.05 23.16
N ASN A 151 -3.63 1.52 23.19
CA ASN A 151 -4.04 2.56 22.29
C ASN A 151 -5.26 3.32 22.71
N TYR A 152 -5.27 4.58 22.32
CA TYR A 152 -6.35 5.45 22.65
C TYR A 152 -6.37 6.57 21.63
N ASP A 153 -7.52 7.18 21.41
CA ASP A 153 -7.68 7.97 20.23
C ASP A 153 -8.96 8.75 20.30
N VAL A 154 -8.92 10.00 19.90
CA VAL A 154 -10.08 10.83 20.00
C VAL A 154 -10.29 11.42 18.64
N SER A 155 -11.50 11.40 18.15
CA SER A 155 -11.78 11.86 16.79
C SER A 155 -13.05 12.72 16.65
N THR A 156 -13.08 13.65 15.74
CA THR A 156 -14.32 14.35 15.59
C THR A 156 -14.35 15.14 14.35
N GLN A 157 -15.52 15.11 13.72
CA GLN A 157 -15.72 15.91 12.53
C GLN A 157 -16.93 16.67 12.77
N GLN A 158 -16.90 17.95 12.47
CA GLN A 158 -18.11 18.71 12.63
C GLN A 158 -18.16 19.85 11.72
N GLN A 159 -19.38 20.39 11.71
CA GLN A 159 -19.64 21.51 10.90
C GLN A 159 -19.28 22.78 11.58
N LEU A 160 -18.82 23.70 10.76
CA LEU A 160 -18.50 25.02 11.16
C LEU A 160 -19.34 25.93 10.35
N GLY A 161 -20.65 25.75 10.44
CA GLY A 161 -21.47 26.64 9.64
C GLY A 161 -21.65 26.11 8.24
N ASP A 162 -22.44 26.81 7.45
CA ASP A 162 -22.65 26.50 6.06
C ASP A 162 -21.35 26.23 5.24
N LYS A 163 -21.30 25.05 4.66
CA LYS A 163 -20.25 24.78 3.67
C LYS A 163 -18.84 24.49 4.24
N THR A 164 -18.59 24.69 5.52
CA THR A 164 -17.28 24.29 6.00
C THR A 164 -17.32 23.21 6.99
N ARG A 165 -16.53 22.20 6.79
CA ARG A 165 -16.48 21.18 7.83
C ARG A 165 -15.04 20.99 8.34
N VAL A 166 -14.92 20.51 9.59
CA VAL A 166 -13.64 20.37 10.23
C VAL A 166 -13.37 19.02 10.74
N THR A 167 -12.15 18.57 10.63
CA THR A 167 -11.86 17.24 11.13
C THR A 167 -10.66 17.32 12.04
N LEU A 168 -10.70 16.61 13.14
CA LEU A 168 -9.61 16.63 14.09
C LEU A 168 -9.34 15.26 14.60
N LEU A 169 -8.09 14.89 14.75
CA LEU A 169 -7.79 13.58 15.28
C LEU A 169 -6.40 13.46 15.94
N GLY A 170 -6.41 12.82 17.09
CA GLY A 170 -5.20 12.46 17.78
C GLY A 170 -5.32 10.95 18.02
N ASP A 171 -4.18 10.23 18.12
CA ASP A 171 -4.12 8.78 18.36
C ASP A 171 -2.75 8.34 18.79
N TYR A 172 -2.69 7.52 19.82
CA TYR A 172 -1.45 7.05 20.34
C TYR A 172 -1.50 5.61 20.64
N ALA A 173 -0.64 4.87 19.98
CA ALA A 173 -0.56 3.42 20.10
C ALA A 173 0.87 3.00 20.30
N HIS A 174 1.07 2.01 21.13
CA HIS A 174 2.42 1.69 21.55
C HIS A 174 2.40 0.28 22.07
N THR A 175 3.35 -0.54 21.61
CA THR A 175 3.41 -1.85 22.21
C THR A 175 4.75 -2.47 22.30
N HIS A 176 5.59 -2.07 23.25
CA HIS A 176 6.89 -2.75 23.24
C HIS A 176 6.67 -4.21 22.85
N GLY A 177 7.72 -4.81 22.29
CA GLY A 177 7.57 -6.08 21.59
C GLY A 177 7.89 -7.44 22.13
N TYR A 178 8.95 -8.07 21.61
CA TYR A 178 9.27 -9.43 22.02
C TYR A 178 10.64 -10.03 21.53
N ASP A 179 11.44 -9.24 20.84
CA ASP A 179 12.83 -9.63 20.54
C ASP A 179 13.18 -10.12 19.14
N VAL A 180 12.18 -10.40 18.32
CA VAL A 180 12.44 -10.59 16.92
C VAL A 180 13.79 -11.27 16.60
N VAL A 181 14.23 -12.27 17.38
CA VAL A 181 15.69 -12.56 17.51
C VAL A 181 16.46 -11.65 16.59
N ALA A 182 16.98 -12.23 15.51
CA ALA A 182 17.54 -11.47 14.38
C ALA A 182 18.20 -12.44 13.44
N TYR A 183 19.38 -12.94 13.81
CA TYR A 183 20.09 -13.85 12.94
C TYR A 183 20.53 -13.19 11.63
N GLY A 184 21.66 -13.64 11.12
CA GLY A 184 22.47 -12.91 10.16
C GLY A 184 22.95 -11.59 10.71
N ASN A 185 21.99 -10.74 11.05
CA ASN A 185 22.33 -9.50 11.66
C ASN A 185 22.51 -9.73 13.12
N THR A 186 23.08 -8.74 13.81
CA THR A 186 23.31 -8.83 15.25
C THR A 186 24.80 -9.10 15.54
N GLY A 187 25.41 -9.92 14.69
CA GLY A 187 26.80 -10.24 14.88
C GLY A 187 27.12 -11.17 16.02
N THR A 188 27.86 -10.60 16.97
CA THR A 188 28.41 -11.39 18.07
C THR A 188 27.43 -11.53 19.22
N GLN A 189 27.05 -10.46 19.90
CA GLN A 189 26.09 -10.63 21.00
C GLN A 189 24.66 -10.90 20.50
N ALA A 190 23.67 -10.57 21.32
CA ALA A 190 22.30 -10.89 20.99
C ALA A 190 21.40 -9.69 20.97
N GLN A 191 20.30 -9.72 21.72
CA GLN A 191 19.33 -8.60 21.75
C GLN A 191 18.11 -8.88 22.60
N THR A 192 18.33 -9.75 23.60
CA THR A 192 17.36 -10.12 24.63
C THR A 192 16.55 -8.95 25.17
N ASP A 193 15.78 -8.36 24.25
CA ASP A 193 15.00 -7.16 24.48
C ASP A 193 13.88 -7.08 23.47
N ASN A 194 12.68 -6.86 24.00
CA ASN A 194 11.45 -6.75 23.21
C ASN A 194 11.50 -5.46 22.47
N ASP A 195 11.42 -5.59 21.17
CA ASP A 195 11.61 -4.40 20.37
C ASP A 195 10.24 -3.70 20.10
N GLY A 196 9.96 -2.67 20.92
CA GLY A 196 8.80 -1.82 20.85
C GLY A 196 8.67 -0.86 19.66
N PHE A 197 7.60 -0.08 19.70
CA PHE A 197 7.26 0.86 18.66
C PHE A 197 6.26 1.81 19.32
N LEU A 198 6.49 3.10 19.27
CA LEU A 198 5.52 3.98 19.90
C LEU A 198 5.13 4.90 18.73
N SER A 199 3.82 5.15 18.49
CA SER A 199 3.39 6.07 17.42
C SER A 199 2.34 7.09 17.88
N LYS A 200 2.56 8.38 17.62
CA LYS A 200 1.64 9.38 18.10
C LYS A 200 1.33 10.18 16.91
N THR A 201 0.04 10.39 16.65
CA THR A 201 -0.45 11.06 15.44
C THR A 201 -1.35 12.18 15.68
N LEU A 202 -1.34 13.12 14.76
CA LEU A 202 -2.13 14.27 14.92
C LEU A 202 -2.60 14.63 13.53
N TYR A 203 -3.88 14.94 13.39
CA TYR A 203 -4.46 15.12 12.07
C TYR A 203 -5.56 16.18 12.06
N GLY A 204 -5.60 17.05 11.07
CA GLY A 204 -6.66 18.04 11.05
C GLY A 204 -6.99 18.37 9.63
N ALA A 205 -8.28 18.52 9.34
CA ALA A 205 -8.71 18.83 7.96
C ALA A 205 -9.81 19.88 7.89
N LEU A 206 -9.75 20.72 6.89
CA LEU A 206 -10.77 21.74 6.73
C LEU A 206 -11.33 21.70 5.34
N GLU A 207 -12.59 21.26 5.22
CA GLU A 207 -13.24 21.11 3.92
C GLU A 207 -14.28 22.20 3.74
N HIS A 208 -14.29 22.74 2.54
CA HIS A 208 -15.11 23.89 2.23
C HIS A 208 -15.75 23.92 0.85
N ASN A 209 -17.10 23.97 0.80
CA ASN A 209 -17.84 24.18 -0.46
C ASN A 209 -18.25 25.60 -0.71
N PHE A 210 -17.69 26.18 -1.75
CA PHE A 210 -18.04 27.53 -2.16
C PHE A 210 -19.40 27.50 -2.75
N THR A 211 -19.72 26.34 -3.30
CA THR A 211 -20.96 26.16 -4.00
C THR A 211 -21.18 24.69 -4.13
N ASP A 212 -22.31 24.38 -4.70
CA ASP A 212 -22.66 23.01 -5.04
C ASP A 212 -21.91 22.70 -6.34
N ALA A 213 -20.60 22.42 -6.24
CA ALA A 213 -19.77 22.06 -7.39
C ALA A 213 -18.38 22.50 -7.08
N TRP A 214 -18.26 23.65 -6.46
CA TRP A 214 -16.95 24.13 -6.12
C TRP A 214 -16.57 23.85 -4.72
N SER A 215 -15.43 23.17 -4.57
CA SER A 215 -15.00 22.79 -3.27
C SER A 215 -13.61 23.07 -2.97
N GLY A 216 -13.33 22.99 -1.67
CA GLY A 216 -11.96 23.20 -1.23
C GLY A 216 -11.52 22.49 0.03
N PHE A 217 -10.22 22.27 0.18
CA PHE A 217 -9.70 21.68 1.41
C PHE A 217 -8.31 21.97 1.76
N VAL A 218 -8.08 21.77 3.03
CA VAL A 218 -6.76 21.89 3.60
C VAL A 218 -6.52 20.87 4.69
N ARG A 219 -5.54 20.01 4.51
CA ARG A 219 -5.23 19.08 5.59
C ARG A 219 -3.76 19.22 6.01
N GLY A 220 -3.52 18.68 7.18
CA GLY A 220 -2.24 18.69 7.83
C GLY A 220 -2.18 17.57 8.84
N TYR A 221 -1.16 16.74 8.75
CA TYR A 221 -1.06 15.63 9.66
C TYR A 221 0.36 15.27 9.69
N GLY A 222 0.68 14.57 10.77
CA GLY A 222 2.05 14.22 11.09
C GLY A 222 2.03 13.22 12.24
N TYR A 223 3.14 12.48 12.33
CA TYR A 223 3.21 11.52 13.36
C TYR A 223 4.62 11.45 13.72
N ASP A 224 4.86 11.08 14.98
CA ASP A 224 6.18 10.97 15.55
C ASP A 224 6.34 9.57 16.07
N ASN A 225 7.08 8.76 15.34
CA ASN A 225 7.25 7.36 15.71
C ASN A 225 8.66 7.06 16.23
N ARG A 226 8.79 5.99 17.02
CA ARG A 226 10.08 5.51 17.54
C ARG A 226 9.97 4.04 17.86
N THR A 227 10.39 3.26 16.90
CA THR A 227 10.28 1.84 17.03
C THR A 227 11.63 1.20 17.03
N ASN A 228 12.11 0.79 18.19
CA ASN A 228 13.38 0.15 18.29
C ASN A 228 13.42 -1.16 17.50
N TYR A 229 14.57 -1.43 16.89
CA TYR A 229 14.81 -2.71 16.25
C TYR A 229 15.98 -3.45 16.89
N ASP A 230 16.85 -4.03 16.04
CA ASP A 230 18.05 -4.77 16.48
C ASP A 230 19.08 -5.00 15.33
N ALA A 231 20.38 -5.01 15.72
CA ALA A 231 21.60 -5.21 14.85
C ALA A 231 21.71 -4.33 13.58
N ASP A 241 19.67 -0.41 18.56
CA ASP A 241 19.29 0.67 17.64
C ASP A 241 17.80 1.02 17.74
N THR A 242 17.58 2.30 18.02
CA THR A 242 16.25 2.82 18.05
C THR A 242 16.14 3.79 16.92
N ARG A 243 15.12 3.60 16.11
CA ARG A 243 14.97 4.47 14.96
C ARG A 243 13.84 5.39 15.20
N LYS A 244 14.13 6.69 15.17
CA LYS A 244 13.09 7.66 15.43
C LYS A 244 12.68 8.47 14.18
N LEU A 245 11.38 8.46 13.93
CA LEU A 245 10.86 9.00 12.72
C LEU A 245 9.84 10.07 12.94
N TYR A 246 10.02 11.18 12.22
CA TYR A 246 9.04 12.24 12.23
C TYR A 246 8.63 12.41 10.79
N SER A 247 7.35 12.66 10.58
CA SER A 247 6.76 12.89 9.29
C SER A 247 5.66 13.93 9.44
N GLN A 248 5.54 14.81 8.47
CA GLN A 248 4.36 15.70 8.36
C GLN A 248 4.08 15.90 6.88
N SER A 249 2.83 16.15 6.58
CA SER A 249 2.45 16.33 5.21
C SER A 249 1.47 17.41 5.21
N TRP A 250 1.31 18.07 4.10
CA TRP A 250 0.34 19.12 4.03
C TRP A 250 -0.24 19.13 2.64
N ASP A 251 -1.55 19.26 2.57
CA ASP A 251 -2.24 19.24 1.34
C ASP A 251 -3.20 20.36 1.38
N ALA A 252 -3.60 20.76 0.18
CA ALA A 252 -4.66 21.71 0.00
C ALA A 252 -5.05 21.59 -1.46
N GLY A 253 -6.34 21.69 -1.79
CA GLY A 253 -6.72 21.68 -3.18
C GLY A 253 -8.08 22.33 -3.36
N LEU A 254 -8.47 22.52 -4.61
CA LEU A 254 -9.81 22.95 -5.02
C LEU A 254 -10.39 21.88 -5.98
N ARG A 255 -11.70 21.75 -5.93
CA ARG A 255 -12.32 20.79 -6.79
C ARG A 255 -13.56 21.38 -7.34
N TYR A 256 -13.77 21.19 -8.65
CA TYR A 256 -15.06 21.45 -9.24
C TYR A 256 -15.62 20.15 -9.71
N ASN A 257 -16.83 19.79 -9.27
CA ASN A 257 -17.41 18.56 -9.75
C ASN A 257 -18.80 18.74 -10.39
N GLY A 258 -18.86 18.93 -11.69
CA GLY A 258 -20.14 19.20 -12.27
C GLY A 258 -20.78 18.02 -12.91
N GLU A 259 -21.90 18.25 -13.57
CA GLU A 259 -22.62 17.17 -14.09
C GLU A 259 -21.81 16.52 -15.16
N LEU A 260 -21.15 17.30 -15.99
CA LEU A 260 -20.38 16.71 -17.08
C LEU A 260 -18.86 16.77 -16.91
N ILE A 261 -18.38 17.78 -16.21
CA ILE A 261 -17.00 18.20 -16.23
C ILE A 261 -16.44 18.04 -14.88
N LYS A 262 -15.34 17.32 -14.74
CA LYS A 262 -14.72 17.31 -13.45
C LYS A 262 -13.31 17.84 -13.52
N SER A 263 -12.85 18.47 -12.44
CA SER A 263 -11.50 19.10 -12.39
C SER A 263 -10.91 19.14 -11.01
N GLN A 264 -9.60 18.91 -10.90
CA GLN A 264 -8.90 19.04 -9.62
C GLN A 264 -7.51 19.65 -9.70
N LEU A 265 -7.21 20.37 -8.63
CA LEU A 265 -5.97 21.08 -8.56
C LEU A 265 -5.61 20.86 -7.18
N ILE A 266 -4.43 20.30 -7.09
CA ILE A 266 -3.98 19.81 -5.82
C ILE A 266 -2.52 20.03 -5.49
N THR A 267 -2.32 20.23 -4.23
CA THR A 267 -1.00 20.49 -3.78
C THR A 267 -0.67 19.74 -2.53
N SER A 268 0.58 19.35 -2.46
CA SER A 268 1.06 18.84 -1.21
C SER A 268 2.53 18.90 -0.95
N TYR A 269 2.81 19.00 0.33
CA TYR A 269 4.15 19.03 0.84
C TYR A 269 4.22 18.16 2.11
N SER A 270 5.24 17.31 2.13
CA SER A 270 5.52 16.40 3.22
C SER A 270 6.96 16.59 3.49
N HIS A 271 7.32 16.44 4.76
CA HIS A 271 8.67 16.63 5.20
C HIS A 271 8.95 15.57 6.19
N SER A 272 9.84 14.61 5.90
CA SER A 272 10.30 13.60 6.91
C SER A 272 11.73 13.58 7.52
N LYS A 273 11.84 13.10 8.75
CA LYS A 273 13.11 13.02 9.40
C LYS A 273 13.28 11.66 10.10
N ASP A 274 14.15 10.85 9.50
CA ASP A 274 14.26 9.50 9.95
C ASP A 274 15.65 9.22 10.52
N TYR A 275 15.69 9.10 11.83
CA TYR A 275 16.94 8.91 12.53
C TYR A 275 17.09 7.45 12.94
N ASN A 276 18.33 6.98 12.92
CA ASN A 276 18.59 6.02 13.98
C ASN A 276 19.84 6.17 14.80
N TYR A 277 19.67 6.22 16.12
CA TYR A 277 20.78 6.31 17.06
C TYR A 277 21.52 4.96 17.26
N ASP A 278 22.33 4.78 18.32
CA ASP A 278 22.22 5.42 19.65
C ASP A 278 23.37 4.81 20.46
N PRO A 279 23.10 3.87 21.37
CA PRO A 279 21.77 3.63 21.96
C PRO A 279 21.30 4.86 22.74
N HIS A 280 22.12 5.23 23.70
CA HIS A 280 22.31 6.62 24.04
C HIS A 280 21.79 7.44 22.86
N ASP A 285 23.43 11.15 18.96
CA ASP A 285 24.68 11.94 19.03
C ASP A 285 25.55 11.77 17.77
N SER A 286 26.74 11.21 17.98
CA SER A 286 27.66 10.97 16.91
C SER A 286 27.72 9.53 16.51
N SER A 287 27.39 9.26 15.25
CA SER A 287 27.36 7.89 14.78
C SER A 287 25.91 7.50 14.58
N ALA A 288 25.29 8.04 13.56
CA ALA A 288 23.87 7.83 13.38
C ALA A 288 23.47 8.51 12.10
N THR A 289 22.63 7.85 11.31
CA THR A 289 22.35 8.37 10.00
C THR A 289 21.01 8.97 9.88
N LEU A 290 20.93 10.28 9.84
CA LEU A 290 19.62 10.82 9.70
C LEU A 290 19.25 10.96 8.25
N ASP A 291 18.06 10.51 7.84
CA ASP A 291 17.64 10.82 6.46
C ASP A 291 16.58 11.88 6.50
N GLU A 292 16.61 12.80 5.52
CA GLU A 292 15.61 13.84 5.53
C GLU A 292 15.18 14.17 4.10
N MET A 293 13.87 14.08 3.85
CA MET A 293 13.33 14.43 2.55
C MET A 293 12.17 15.39 2.55
N LYS A 294 12.02 16.17 1.48
CA LYS A 294 10.93 17.14 1.36
C LYS A 294 10.48 16.98 -0.05
N GLN A 295 9.22 16.59 -0.21
CA GLN A 295 8.68 16.30 -1.48
C GLN A 295 7.56 17.29 -1.73
N TYR A 296 7.57 17.82 -2.96
CA TYR A 296 6.60 18.79 -3.31
C TYR A 296 5.79 18.37 -4.49
N THR A 297 4.47 18.40 -4.34
CA THR A 297 3.62 17.98 -5.42
C THR A 297 2.53 18.91 -5.82
N VAL A 298 2.47 19.12 -7.13
CA VAL A 298 1.38 19.81 -7.73
C VAL A 298 0.91 19.14 -9.00
N GLN A 299 -0.40 18.97 -9.09
CA GLN A 299 -0.99 18.25 -10.17
C GLN A 299 -2.25 18.92 -10.58
N TRP A 300 -2.62 18.83 -11.83
CA TRP A 300 -3.83 19.41 -12.27
C TRP A 300 -4.44 18.41 -13.24
N ALA A 301 -5.72 18.09 -13.11
CA ALA A 301 -6.36 17.01 -13.89
C ALA A 301 -7.82 17.31 -14.21
N ASN A 302 -8.23 17.03 -15.42
CA ASN A 302 -9.61 17.29 -15.76
C ASN A 302 -10.22 16.04 -16.27
N ASN A 303 -11.53 15.92 -16.12
CA ASN A 303 -12.23 14.78 -16.67
C ASN A 303 -13.57 15.21 -17.09
N VAL A 304 -13.97 14.74 -18.27
CA VAL A 304 -15.33 14.97 -18.69
C VAL A 304 -16.11 13.78 -19.18
N ILE A 305 -17.35 13.70 -18.77
CA ILE A 305 -18.31 12.74 -19.31
C ILE A 305 -18.81 12.97 -20.73
N VAL A 306 -18.53 11.96 -21.51
CA VAL A 306 -18.81 11.96 -22.89
C VAL A 306 -19.46 10.70 -23.27
N GLY A 307 -20.74 10.84 -23.45
CA GLY A 307 -21.57 9.70 -23.69
C GLY A 307 -21.46 8.79 -22.50
N HIS A 308 -21.21 7.54 -22.82
CA HIS A 308 -21.14 6.48 -21.84
C HIS A 308 -19.71 6.18 -21.62
N GLY A 309 -18.99 7.25 -21.29
CA GLY A 309 -17.56 7.18 -21.23
C GLY A 309 -17.05 8.47 -20.71
N SER A 310 -15.75 8.60 -20.70
CA SER A 310 -15.17 9.79 -20.18
C SER A 310 -13.89 9.82 -20.86
N ILE A 311 -13.25 10.96 -20.75
CA ILE A 311 -11.99 11.20 -21.34
C ILE A 311 -11.39 12.11 -20.31
N GLY A 312 -10.09 12.05 -20.20
CA GLY A 312 -9.41 12.84 -19.20
C GLY A 312 -7.95 13.13 -19.52
N ALA A 313 -7.43 14.14 -18.86
CA ALA A 313 -6.01 14.48 -18.94
C ALA A 313 -5.57 15.31 -17.70
N GLY A 314 -4.28 15.22 -17.36
CA GLY A 314 -3.75 16.01 -16.27
C GLY A 314 -2.24 16.20 -16.38
N VAL A 315 -1.70 17.20 -15.69
CA VAL A 315 -0.28 17.47 -15.58
C VAL A 315 0.09 17.29 -14.17
N ASP A 316 1.25 16.73 -14.00
CA ASP A 316 1.63 16.26 -12.71
C ASP A 316 3.11 16.45 -12.38
N TRP A 317 3.37 17.38 -11.47
CA TRP A 317 4.73 17.76 -11.12
C TRP A 317 5.26 17.41 -9.75
N GLN A 318 6.50 16.93 -9.72
CA GLN A 318 7.11 16.59 -8.47
C GLN A 318 8.49 17.16 -8.20
N LYS A 319 8.70 17.49 -6.93
CA LYS A 319 10.00 17.88 -6.42
C LYS A 319 10.27 17.16 -5.13
N GLN A 320 11.39 16.47 -5.13
CA GLN A 320 11.95 15.89 -3.94
C GLN A 320 13.38 16.38 -3.76
N THR A 321 13.67 16.94 -2.60
CA THR A 321 15.02 17.33 -2.27
C THR A 321 15.47 16.74 -0.95
N THR A 322 16.63 16.10 -1.00
CA THR A 322 17.23 15.45 0.16
C THR A 322 18.47 16.18 0.78
N THR A 323 18.69 15.99 2.08
CA THR A 323 19.82 16.52 2.83
C THR A 323 21.08 15.72 2.61
N PRO A 324 22.22 16.38 2.69
CA PRO A 324 23.49 15.64 2.64
C PRO A 324 23.38 14.47 3.61
N GLY A 325 24.06 13.39 3.28
CA GLY A 325 24.14 12.24 4.14
C GLY A 325 22.92 11.36 4.01
N THR A 326 21.93 11.90 3.35
CA THR A 326 20.70 11.14 3.26
C THR A 326 20.77 10.00 2.22
N GLY A 327 20.51 8.81 2.71
CA GLY A 327 20.44 7.65 1.84
C GLY A 327 21.87 7.24 1.74
N TYR A 328 22.68 7.75 2.67
CA TYR A 328 24.08 7.45 2.58
C TYR A 328 24.49 7.96 1.22
N VAL A 329 24.08 9.17 0.89
CA VAL A 329 24.57 9.81 -0.32
C VAL A 329 25.25 11.13 0.03
N GLU A 330 26.40 11.34 -0.59
CA GLU A 330 27.24 12.51 -0.33
C GLU A 330 26.53 13.83 -0.26
N ASP A 331 26.01 14.31 -1.37
CA ASP A 331 25.40 15.64 -1.35
C ASP A 331 23.91 15.60 -1.26
N GLY A 332 23.30 16.76 -1.03
CA GLY A 332 21.85 16.86 -1.11
C GLY A 332 21.51 16.80 -2.58
N TYR A 333 20.33 16.27 -2.85
CA TYR A 333 19.88 16.17 -4.22
C TYR A 333 18.49 16.72 -4.34
N ASP A 334 18.17 17.19 -5.54
CA ASP A 334 16.95 17.92 -5.88
C ASP A 334 16.54 17.24 -7.15
N GLN A 335 15.47 16.47 -7.06
CA GLN A 335 15.04 15.65 -8.15
C GLN A 335 13.77 16.24 -8.70
N ARG A 336 13.66 16.44 -10.02
CA ARG A 336 12.40 16.93 -10.51
C ARG A 336 11.79 16.04 -11.54
N ASN A 337 10.46 16.11 -11.62
CA ASN A 337 9.71 15.28 -12.59
C ASN A 337 8.43 15.89 -13.03
N THR A 338 8.23 15.91 -14.33
CA THR A 338 6.97 16.28 -14.84
C THR A 338 6.41 15.37 -15.94
N GLY A 339 5.20 14.92 -15.68
CA GLY A 339 4.52 14.07 -16.60
C GLY A 339 3.17 14.60 -17.01
N ILE A 340 2.80 14.11 -18.19
CA ILE A 340 1.52 14.44 -18.78
C ILE A 340 0.83 13.24 -19.44
N TYR A 341 -0.43 13.04 -19.02
CA TYR A 341 -1.19 11.90 -19.45
C TYR A 341 -2.58 12.14 -19.82
N LEU A 342 -3.07 11.13 -20.51
CA LEU A 342 -4.38 11.09 -21.08
C LEU A 342 -5.23 9.86 -20.70
N THR A 343 -6.44 10.03 -20.17
CA THR A 343 -7.25 8.86 -19.90
C THR A 343 -8.51 8.82 -20.72
N GLY A 344 -8.98 7.56 -20.93
CA GLY A 344 -10.22 7.19 -21.62
C GLY A 344 -11.00 5.96 -21.18
N LEU A 345 -12.33 6.11 -21.17
CA LEU A 345 -13.28 4.98 -20.93
C LEU A 345 -14.43 5.12 -21.86
N GLN A 346 -14.74 4.09 -22.57
CA GLN A 346 -15.91 4.22 -23.31
C GLN A 346 -16.72 2.93 -23.26
N GLN A 347 -18.02 3.03 -23.23
CA GLN A 347 -18.72 1.79 -23.24
C GLN A 347 -19.48 1.73 -24.52
N VAL A 348 -19.36 0.66 -25.28
CA VAL A 348 -20.15 0.52 -26.51
C VAL A 348 -20.77 -0.87 -26.65
N GLY A 349 -22.06 -0.87 -26.58
CA GLY A 349 -22.75 -2.11 -26.77
C GLY A 349 -22.24 -3.00 -25.70
N ASP A 350 -21.90 -4.20 -26.04
CA ASP A 350 -21.44 -5.12 -24.98
C ASP A 350 -19.96 -4.96 -24.62
N PHE A 351 -19.25 -4.07 -25.28
CA PHE A 351 -17.84 -3.97 -25.02
C PHE A 351 -17.47 -2.82 -24.20
N THR A 352 -16.36 -2.96 -23.52
CA THR A 352 -15.83 -1.86 -22.75
C THR A 352 -14.40 -1.58 -23.17
N PHE A 353 -13.97 -0.31 -23.18
CA PHE A 353 -12.59 0.04 -23.48
C PHE A 353 -12.10 1.04 -22.51
N GLU A 354 -10.89 0.85 -22.05
CA GLU A 354 -10.42 1.76 -21.05
C GLU A 354 -8.98 1.90 -21.39
N GLY A 355 -8.38 3.04 -21.08
CA GLY A 355 -7.00 3.22 -21.46
C GLY A 355 -6.38 4.48 -20.87
N ALA A 356 -5.04 4.50 -20.87
CA ALA A 356 -4.29 5.69 -20.48
C ALA A 356 -2.90 5.76 -21.14
N ALA A 357 -2.31 6.93 -21.26
CA ALA A 357 -0.99 7.02 -21.88
C ALA A 357 -0.37 8.18 -21.12
N ARG A 358 0.92 8.07 -20.84
CA ARG A 358 1.62 9.12 -20.13
C ARG A 358 2.96 9.44 -20.74
N SER A 359 3.37 10.69 -20.64
CA SER A 359 4.78 10.97 -20.86
C SER A 359 5.32 11.70 -19.63
N ASP A 360 6.49 11.23 -19.20
CA ASP A 360 7.21 11.75 -18.01
C ASP A 360 8.58 12.27 -18.33
N ASP A 361 8.94 13.43 -17.79
CA ASP A 361 10.25 14.03 -18.01
C ASP A 361 10.99 14.09 -16.72
N ASN A 362 11.91 13.16 -16.55
CA ASN A 362 12.68 13.10 -15.33
C ASN A 362 14.06 13.78 -15.34
N SER A 363 14.30 14.60 -14.30
CA SER A 363 15.48 15.41 -14.21
C SER A 363 16.73 14.62 -14.36
N GLN A 364 16.61 13.33 -14.20
CA GLN A 364 17.77 12.48 -14.43
C GLN A 364 17.80 11.65 -15.69
N PHE A 365 16.75 10.96 -16.05
CA PHE A 365 16.95 10.01 -17.14
C PHE A 365 16.30 10.45 -18.35
N GLY A 366 15.51 11.48 -18.11
CA GLY A 366 14.81 12.15 -19.13
C GLY A 366 13.42 11.73 -19.32
N ARG A 367 13.13 11.45 -20.58
CA ARG A 367 11.79 11.23 -21.07
C ARG A 367 11.52 9.81 -21.14
N HIS A 368 10.35 9.41 -20.70
CA HIS A 368 9.98 8.03 -20.79
C HIS A 368 8.52 8.07 -20.82
N GLY A 369 7.95 7.36 -21.78
CA GLY A 369 6.52 7.36 -21.91
C GLY A 369 5.91 6.04 -21.51
N THR A 370 4.62 6.04 -21.25
CA THR A 370 4.02 4.77 -20.94
C THR A 370 2.55 4.60 -21.33
N TRP A 371 2.09 3.36 -21.49
CA TRP A 371 0.68 3.11 -21.86
C TRP A 371 0.11 1.77 -21.64
N GLN A 372 -1.20 1.75 -21.40
CA GLN A 372 -2.05 0.60 -21.19
C GLN A 372 -3.43 0.66 -21.94
N THR A 373 -3.92 -0.49 -22.36
CA THR A 373 -5.30 -0.63 -22.84
C THR A 373 -5.90 -1.87 -22.28
N SER A 374 -7.20 -1.89 -22.12
CA SER A 374 -7.94 -3.09 -21.82
C SER A 374 -9.25 -3.00 -22.49
N ALA A 375 -9.70 -4.11 -23.03
CA ALA A 375 -11.09 -4.27 -23.45
C ALA A 375 -11.85 -5.38 -22.78
N GLY A 376 -13.09 -5.13 -22.37
CA GLY A 376 -13.97 -6.21 -22.00
C GLY A 376 -15.19 -6.43 -22.89
N TRP A 377 -15.53 -7.70 -22.94
CA TRP A 377 -16.67 -8.18 -23.65
C TRP A 377 -17.60 -8.86 -22.66
N GLU A 378 -18.77 -8.34 -22.37
CA GLU A 378 -19.73 -9.03 -21.53
C GLU A 378 -20.52 -9.94 -22.48
N PHE A 379 -20.07 -11.15 -22.75
CA PHE A 379 -20.67 -11.90 -23.85
C PHE A 379 -21.94 -12.56 -23.41
N ILE A 380 -22.24 -12.45 -22.13
CA ILE A 380 -23.51 -12.96 -21.69
C ILE A 380 -23.88 -12.39 -20.43
N GLU A 381 -25.10 -11.92 -20.28
CA GLU A 381 -25.27 -11.17 -19.08
C GLU A 381 -24.73 -11.85 -17.84
N GLY A 382 -24.09 -11.01 -17.04
CA GLY A 382 -23.41 -11.32 -15.78
C GLY A 382 -22.00 -11.85 -15.98
N TYR A 383 -21.54 -12.00 -17.22
CA TYR A 383 -20.25 -12.61 -17.46
C TYR A 383 -19.39 -11.87 -18.41
N ARG A 384 -18.13 -11.76 -18.07
CA ARG A 384 -17.33 -10.85 -18.79
C ARG A 384 -15.93 -11.35 -18.98
N PHE A 385 -15.51 -11.39 -20.24
CA PHE A 385 -14.11 -11.61 -20.61
C PHE A 385 -13.19 -10.38 -20.87
N ILE A 386 -12.13 -10.18 -20.09
CA ILE A 386 -11.27 -9.05 -20.21
C ILE A 386 -9.81 -9.16 -20.59
N ALA A 387 -9.35 -8.54 -21.70
CA ALA A 387 -7.94 -8.55 -22.18
C ALA A 387 -7.25 -7.20 -21.94
N SER A 388 -6.05 -7.24 -21.35
CA SER A 388 -5.32 -6.05 -20.99
C SER A 388 -3.90 -6.16 -21.41
N TYR A 389 -3.28 -5.07 -21.90
CA TYR A 389 -1.84 -5.04 -22.11
C TYR A 389 -1.46 -3.70 -21.61
N GLY A 390 -0.35 -3.59 -20.90
CA GLY A 390 -0.04 -2.33 -20.22
C GLY A 390 1.42 -2.27 -20.05
N THR A 391 1.94 -1.05 -20.03
CA THR A 391 3.36 -0.81 -19.86
C THR A 391 3.71 0.08 -18.61
N SER A 392 4.77 -0.22 -17.85
CA SER A 392 5.17 0.68 -16.71
C SER A 392 6.66 0.74 -16.39
N TYR A 393 7.03 1.58 -15.42
CA TYR A 393 8.44 1.81 -15.19
C TYR A 393 8.76 2.05 -13.77
N LYS A 394 10.04 2.07 -13.46
CA LYS A 394 10.49 2.32 -12.09
C LYS A 394 11.78 3.10 -12.13
N ALA A 395 11.75 4.29 -11.50
CA ALA A 395 12.84 5.24 -11.56
C ALA A 395 14.00 4.68 -10.81
N PRO A 396 15.23 4.99 -11.20
CA PRO A 396 16.35 4.63 -10.36
C PRO A 396 16.33 5.54 -9.17
N ASN A 397 16.86 5.06 -8.07
CA ASN A 397 16.91 5.81 -6.83
C ASN A 397 18.31 6.39 -6.45
N LEU A 398 18.30 7.33 -5.51
CA LEU A 398 19.46 8.12 -5.18
C LEU A 398 20.66 7.28 -5.18
N GLY A 399 20.49 6.27 -4.34
CA GLY A 399 21.51 5.33 -3.99
C GLY A 399 22.06 4.61 -5.19
N GLN A 400 21.27 4.34 -6.21
CA GLN A 400 21.83 3.67 -7.42
C GLN A 400 22.48 4.74 -8.28
N LEU A 401 22.15 5.96 -7.96
CA LEU A 401 22.52 7.00 -8.79
C LEU A 401 23.68 7.70 -8.30
N TYR A 402 23.62 7.97 -7.02
CA TYR A 402 24.67 8.78 -6.47
C TYR A 402 25.46 8.21 -5.27
N GLY A 403 25.27 6.91 -5.02
CA GLY A 403 25.91 6.29 -3.88
C GLY A 403 27.31 5.84 -4.13
N PHE A 404 27.87 5.22 -3.10
CA PHE A 404 29.19 4.73 -3.24
C PHE A 404 29.28 3.91 -4.56
N TYR A 405 28.24 3.17 -4.90
CA TYR A 405 28.31 2.32 -6.07
C TYR A 405 27.49 2.80 -7.21
N GLY A 406 27.14 4.06 -7.12
CA GLY A 406 26.23 4.71 -8.06
C GLY A 406 26.61 4.76 -9.52
N ASN A 407 25.64 5.21 -10.29
CA ASN A 407 25.77 5.27 -11.70
C ASN A 407 24.73 6.20 -12.03
N PRO A 408 25.13 7.39 -12.39
CA PRO A 408 24.19 8.47 -12.63
C PRO A 408 23.46 8.37 -14.02
N ASN A 409 23.89 7.51 -14.93
CA ASN A 409 23.21 7.47 -16.23
C ASN A 409 22.26 6.31 -16.37
N LEU A 410 21.77 5.84 -15.24
CA LEU A 410 20.90 4.71 -15.37
C LEU A 410 19.66 5.15 -16.04
N ASP A 411 19.06 4.22 -16.76
CA ASP A 411 17.70 4.31 -17.27
C ASP A 411 16.67 3.68 -16.35
N PRO A 412 15.39 3.90 -16.55
CA PRO A 412 14.40 3.27 -15.72
C PRO A 412 14.28 1.78 -15.97
N GLU A 413 13.75 1.08 -14.98
CA GLU A 413 13.48 -0.33 -15.12
C GLU A 413 12.11 -0.36 -15.75
N LYS A 414 11.98 -1.29 -16.72
CA LYS A 414 10.85 -1.37 -17.61
C LYS A 414 10.03 -2.67 -17.58
N SER A 415 8.68 -2.53 -17.45
CA SER A 415 7.76 -3.65 -17.56
C SER A 415 6.62 -3.62 -18.56
N LYS A 416 6.43 -4.80 -19.13
CA LYS A 416 5.31 -5.15 -19.97
C LYS A 416 4.42 -6.26 -19.39
N GLN A 417 3.14 -6.01 -19.21
CA GLN A 417 2.25 -7.05 -18.78
C GLN A 417 1.06 -7.34 -19.75
N TRP A 418 0.70 -8.61 -19.84
CA TRP A 418 -0.47 -9.02 -20.55
C TRP A 418 -1.28 -9.72 -19.55
N GLU A 419 -2.59 -9.67 -19.69
CA GLU A 419 -3.52 -10.24 -18.69
C GLU A 419 -4.84 -10.53 -19.35
N GLY A 420 -5.35 -11.73 -19.11
CA GLY A 420 -6.70 -12.10 -19.49
C GLY A 420 -7.62 -12.42 -18.32
N ALA A 421 -8.89 -12.06 -18.33
CA ALA A 421 -9.74 -12.46 -17.20
C ALA A 421 -11.15 -12.87 -17.56
N PHE A 422 -11.78 -13.64 -16.67
CA PHE A 422 -13.16 -14.05 -16.72
C PHE A 422 -13.72 -13.79 -15.36
N GLU A 423 -14.85 -13.13 -15.37
CA GLU A 423 -15.38 -12.51 -14.21
C GLU A 423 -16.83 -12.78 -14.45
N GLY A 424 -17.53 -13.17 -13.41
CA GLY A 424 -18.93 -13.38 -13.61
C GLY A 424 -19.72 -13.64 -12.36
N LEU A 425 -21.02 -13.44 -12.45
CA LEU A 425 -21.89 -13.67 -11.34
C LEU A 425 -22.73 -14.86 -11.65
N THR A 426 -22.40 -15.96 -10.96
CA THR A 426 -23.17 -17.21 -11.07
C THR A 426 -23.58 -17.75 -9.72
N ALA A 427 -24.86 -18.08 -9.74
CA ALA A 427 -25.64 -18.54 -8.62
C ALA A 427 -25.40 -17.86 -7.27
N GLY A 428 -25.23 -16.58 -7.24
CA GLY A 428 -25.27 -15.89 -5.97
C GLY A 428 -23.87 -15.66 -5.57
N VAL A 429 -22.98 -16.08 -6.44
CA VAL A 429 -21.59 -15.92 -6.24
C VAL A 429 -20.86 -15.12 -7.29
N ASN A 430 -20.23 -14.05 -6.82
CA ASN A 430 -19.31 -13.21 -7.59
C ASN A 430 -17.88 -13.59 -7.62
N TRP A 431 -17.36 -13.81 -8.82
CA TRP A 431 -16.05 -14.36 -8.99
C TRP A 431 -15.28 -13.77 -10.10
N ARG A 432 -14.00 -14.01 -10.10
CA ARG A 432 -13.19 -13.48 -11.12
C ARG A 432 -12.03 -14.42 -11.21
N ILE A 433 -11.54 -14.64 -12.40
CA ILE A 433 -10.29 -15.34 -12.49
C ILE A 433 -9.48 -14.78 -13.67
N SER A 434 -8.27 -14.38 -13.30
CA SER A 434 -7.25 -13.86 -14.15
C SER A 434 -5.95 -14.66 -14.19
N GLY A 435 -5.28 -14.66 -15.34
CA GLY A 435 -3.86 -14.99 -15.46
C GLY A 435 -3.05 -13.83 -16.03
N TYR A 436 -1.94 -13.43 -15.41
CA TYR A 436 -1.09 -12.45 -16.07
C TYR A 436 0.32 -12.87 -16.32
N ARG A 437 0.98 -12.18 -17.25
CA ARG A 437 2.39 -12.35 -17.49
C ARG A 437 3.07 -11.00 -17.32
N ASN A 438 4.11 -10.93 -16.53
CA ASN A 438 4.82 -9.69 -16.45
C ASN A 438 6.32 -9.83 -16.73
N ASP A 439 6.84 -9.29 -17.84
CA ASP A 439 8.27 -9.36 -18.16
C ASP A 439 8.95 -8.07 -17.71
N VAL A 440 9.87 -8.12 -16.76
CA VAL A 440 10.51 -6.91 -16.36
C VAL A 440 11.87 -6.96 -16.96
N SER A 441 12.39 -5.80 -17.29
CA SER A 441 13.67 -5.64 -17.95
C SER A 441 14.37 -4.40 -17.43
N ASP A 442 15.68 -4.33 -17.74
CA ASP A 442 16.56 -3.23 -17.38
C ASP A 442 16.63 -3.06 -15.90
N LEU A 443 16.75 -4.17 -15.27
CA LEU A 443 16.74 -4.20 -13.86
C LEU A 443 18.04 -3.65 -13.32
N ILE A 444 17.94 -2.81 -12.32
CA ILE A 444 19.13 -2.15 -11.86
C ILE A 444 19.81 -3.09 -10.91
N ASP A 445 20.93 -3.60 -11.37
CA ASP A 445 21.75 -4.47 -10.57
C ASP A 445 23.20 -4.09 -10.48
N TYR A 446 23.78 -4.36 -9.30
CA TYR A 446 25.18 -4.09 -8.99
C TYR A 446 26.09 -5.07 -9.67
N ASP A 447 27.17 -4.52 -10.26
CA ASP A 447 28.25 -5.31 -10.86
C ASP A 447 29.49 -5.35 -9.96
N ASP A 448 29.82 -6.57 -9.54
CA ASP A 448 30.94 -6.78 -8.62
C ASP A 448 32.12 -6.39 -9.46
N HIS A 449 31.97 -6.63 -10.74
CA HIS A 449 33.07 -6.41 -11.58
C HIS A 449 33.43 -4.96 -11.42
N THR A 450 32.47 -4.06 -11.37
CA THR A 450 32.91 -2.66 -11.36
C THR A 450 32.37 -1.94 -10.21
N LEU A 451 32.06 -2.68 -9.18
CA LEU A 451 31.46 -1.97 -8.11
C LEU A 451 30.57 -0.88 -8.63
N LYS A 452 29.86 -1.11 -9.72
CA LYS A 452 28.78 -0.21 -10.11
C LYS A 452 27.44 -0.89 -10.37
N TYR A 453 26.36 -0.15 -10.22
CA TYR A 453 25.07 -0.60 -10.71
C TYR A 453 24.94 -0.33 -12.21
N TYR A 454 24.18 -1.17 -12.89
CA TYR A 454 23.90 -0.92 -14.28
C TYR A 454 22.48 -1.44 -14.54
N ASN A 455 21.83 -1.04 -15.63
CA ASN A 455 20.58 -1.67 -16.03
C ASN A 455 20.91 -3.00 -16.67
N GLU A 456 20.49 -4.14 -16.11
CA GLU A 456 20.72 -5.35 -16.92
C GLU A 456 19.84 -6.57 -16.75
N GLY A 457 19.18 -6.65 -15.62
CA GLY A 457 18.47 -7.86 -15.27
C GLY A 457 17.15 -7.95 -15.89
N LYS A 458 16.68 -9.20 -16.03
CA LYS A 458 15.30 -9.52 -16.44
C LYS A 458 14.56 -10.43 -15.48
N ALA A 459 13.26 -10.20 -15.41
CA ALA A 459 12.36 -11.10 -14.73
C ALA A 459 11.12 -11.30 -15.60
N ARG A 460 10.52 -12.48 -15.45
CA ARG A 460 9.28 -12.91 -16.06
C ARG A 460 8.43 -13.37 -14.89
N ILE A 461 7.20 -12.89 -14.80
CA ILE A 461 6.35 -13.32 -13.68
C ILE A 461 5.15 -13.95 -14.37
N LYS A 462 4.61 -15.06 -13.82
CA LYS A 462 3.48 -15.79 -14.42
C LYS A 462 2.56 -15.97 -13.32
N GLY A 463 1.38 -15.39 -13.43
CA GLY A 463 0.48 -15.47 -12.31
C GLY A 463 -0.98 -15.74 -12.50
N VAL A 464 -1.67 -16.05 -11.41
CA VAL A 464 -3.07 -16.35 -11.40
C VAL A 464 -3.73 -15.91 -10.16
N GLU A 465 -4.85 -15.22 -10.31
CA GLU A 465 -5.59 -14.65 -9.16
C GLU A 465 -6.96 -15.19 -9.38
N ALA A 466 -7.57 -15.60 -8.29
CA ALA A 466 -8.93 -16.06 -8.35
C ALA A 466 -9.55 -15.63 -7.08
N THR A 467 -10.67 -14.97 -7.23
CA THR A 467 -11.34 -14.48 -6.09
C THR A 467 -12.74 -14.86 -6.17
N ALA A 468 -13.44 -14.68 -5.04
CA ALA A 468 -14.87 -15.00 -4.93
C ALA A 468 -15.47 -14.54 -3.61
N ASN A 469 -16.68 -14.02 -3.70
CA ASN A 469 -17.45 -13.81 -2.50
C ASN A 469 -18.90 -14.28 -2.70
N PHE A 470 -19.51 -14.72 -1.61
CA PHE A 470 -20.83 -15.16 -1.79
C PHE A 470 -21.44 -15.37 -0.44
N ASP A 471 -22.77 -15.53 -0.31
CA ASP A 471 -23.40 -15.66 0.99
C ASP A 471 -23.96 -17.03 1.08
N THR A 472 -24.04 -17.60 2.27
CA THR A 472 -24.76 -18.84 2.53
C THR A 472 -25.20 -18.74 3.95
N GLY A 473 -26.48 -18.77 4.20
CA GLY A 473 -27.21 -18.18 5.28
C GLY A 473 -26.73 -16.88 5.75
N PRO A 474 -26.68 -16.68 7.06
CA PRO A 474 -26.18 -15.45 7.63
C PRO A 474 -24.69 -15.40 7.42
N LEU A 475 -24.16 -16.36 6.68
CA LEU A 475 -22.73 -16.40 6.45
C LEU A 475 -22.31 -15.64 5.20
N THR A 476 -21.27 -14.79 5.36
CA THR A 476 -20.63 -14.16 4.22
C THR A 476 -19.22 -14.70 4.06
N HIS A 477 -18.88 -15.12 2.84
CA HIS A 477 -17.56 -15.66 2.46
C HIS A 477 -16.82 -14.74 1.51
N THR A 478 -15.53 -14.62 1.75
CA THR A 478 -14.67 -13.84 0.88
C THR A 478 -13.35 -14.48 0.78
N VAL A 479 -13.18 -15.27 -0.28
CA VAL A 479 -12.00 -16.09 -0.50
C VAL A 479 -11.22 -15.62 -1.71
N SER A 480 -9.90 -15.87 -1.68
CA SER A 480 -8.99 -15.53 -2.76
C SER A 480 -7.79 -16.42 -2.76
N TYR A 481 -7.24 -16.66 -3.94
CA TYR A 481 -6.10 -17.57 -4.13
C TYR A 481 -5.19 -16.97 -5.18
N ASP A 482 -3.87 -17.04 -4.96
CA ASP A 482 -2.89 -16.51 -5.90
C ASP A 482 -1.74 -17.43 -6.19
N TYR A 483 -1.41 -17.58 -7.46
CA TYR A 483 -0.21 -18.29 -7.80
C TYR A 483 0.77 -17.36 -8.50
N VAL A 484 1.94 -17.25 -7.91
CA VAL A 484 2.98 -16.43 -8.44
C VAL A 484 4.27 -17.12 -8.83
N ASP A 485 4.48 -17.36 -10.10
CA ASP A 485 5.75 -17.83 -10.58
C ASP A 485 6.72 -16.75 -11.07
N ALA A 486 7.33 -16.05 -10.12
CA ALA A 486 8.27 -14.94 -10.36
C ALA A 486 9.71 -15.43 -10.41
N ARG A 487 10.31 -15.35 -11.55
CA ARG A 487 11.66 -15.83 -11.73
C ARG A 487 12.63 -14.84 -12.45
N ASN A 488 13.89 -14.98 -12.15
CA ASN A 488 14.91 -14.31 -12.89
C ASN A 488 14.98 -14.85 -14.35
N ALA A 489 14.58 -14.02 -15.31
CA ALA A 489 14.42 -14.55 -16.67
C ALA A 489 15.69 -14.98 -17.38
N ILE A 490 16.84 -14.62 -16.85
CA ILE A 490 18.08 -15.00 -17.51
C ILE A 490 18.58 -16.36 -16.94
N THR A 491 18.38 -16.60 -15.66
CA THR A 491 18.92 -17.74 -14.99
C THR A 491 17.87 -18.77 -14.73
N ASP A 492 16.66 -18.34 -15.01
CA ASP A 492 15.43 -19.09 -14.85
C ASP A 492 15.16 -19.50 -13.48
N THR A 493 15.61 -18.78 -12.48
CA THR A 493 15.34 -19.25 -11.16
C THR A 493 14.40 -18.39 -10.39
N PRO A 494 13.67 -18.99 -9.48
CA PRO A 494 12.72 -18.27 -8.68
C PRO A 494 13.34 -17.09 -8.03
N LEU A 495 12.54 -16.08 -7.75
CA LEU A 495 13.11 -14.93 -7.15
C LEU A 495 12.83 -15.21 -5.73
N LEU A 496 13.59 -14.60 -4.84
CA LEU A 496 13.42 -14.75 -3.41
C LEU A 496 12.46 -13.75 -2.78
N ARG A 497 12.06 -14.05 -1.55
CA ARG A 497 11.21 -13.27 -0.65
C ARG A 497 9.73 -13.38 -0.94
N ARG A 498 9.41 -14.27 -1.86
CA ARG A 498 8.06 -14.40 -2.42
C ARG A 498 7.51 -15.80 -2.38
N ALA A 499 6.36 -15.92 -1.72
CA ALA A 499 5.59 -17.14 -1.78
C ALA A 499 4.86 -17.44 -3.12
N LYS A 500 4.99 -18.66 -3.62
CA LYS A 500 4.33 -19.03 -4.85
C LYS A 500 2.86 -19.10 -4.71
N GLN A 501 2.36 -19.38 -3.50
CA GLN A 501 0.95 -19.62 -3.32
C GLN A 501 0.41 -19.04 -2.07
N GLN A 502 -0.60 -18.21 -2.13
CA GLN A 502 -1.37 -17.91 -0.91
C GLN A 502 -2.85 -18.21 -0.99
N VAL A 503 -3.44 -18.54 0.16
CA VAL A 503 -4.82 -18.75 0.26
C VAL A 503 -5.39 -17.90 1.40
N LYS A 504 -6.41 -17.11 1.10
CA LYS A 504 -6.98 -16.21 2.08
C LYS A 504 -8.53 -16.36 2.05
N TYR A 505 -9.12 -16.46 3.23
CA TYR A 505 -10.50 -16.71 3.39
C TYR A 505 -10.98 -15.98 4.57
N GLN A 506 -12.03 -15.21 4.39
CA GLN A 506 -12.58 -14.52 5.48
C GLN A 506 -14.03 -15.02 5.53
N LEU A 507 -14.51 -15.21 6.75
CA LEU A 507 -15.83 -15.68 7.05
C LEU A 507 -16.38 -14.75 8.12
N ASP A 508 -17.48 -14.08 7.75
CA ASP A 508 -18.18 -13.12 8.58
C ASP A 508 -19.61 -13.58 8.79
N TRP A 509 -20.17 -13.32 9.99
CA TRP A 509 -21.61 -13.55 10.33
C TRP A 509 -22.04 -13.02 11.68
N GLN A 510 -23.31 -12.60 11.79
CA GLN A 510 -23.81 -12.02 13.04
C GLN A 510 -24.72 -12.99 13.68
N LEU A 511 -25.05 -12.80 14.92
CA LEU A 511 -25.93 -13.75 15.47
C LEU A 511 -26.83 -13.22 16.52
N TYR A 512 -26.32 -13.15 17.73
CA TYR A 512 -27.29 -12.72 18.62
C TYR A 512 -27.13 -11.27 18.41
N ASP A 513 -26.04 -10.69 18.87
CA ASP A 513 -25.94 -9.30 18.59
C ASP A 513 -24.46 -9.10 18.34
N PHE A 514 -23.80 -10.27 18.40
CA PHE A 514 -22.41 -10.45 18.16
C PHE A 514 -22.09 -10.55 16.66
N ASP A 515 -21.17 -9.70 16.20
CA ASP A 515 -20.60 -9.78 14.85
C ASP A 515 -19.28 -10.58 14.79
N TRP A 516 -19.19 -11.62 13.94
CA TRP A 516 -18.00 -12.52 14.02
C TRP A 516 -17.24 -12.54 12.76
N GLY A 517 -15.98 -12.79 12.93
CA GLY A 517 -15.10 -12.91 11.83
C GLY A 517 -13.88 -13.75 12.12
N ILE A 518 -13.75 -14.73 11.30
CA ILE A 518 -12.61 -15.55 11.33
C ILE A 518 -11.88 -15.33 10.06
N THR A 519 -10.56 -15.16 10.11
CA THR A 519 -9.81 -15.05 8.86
C THR A 519 -8.74 -16.07 8.89
N TYR A 520 -8.56 -16.68 7.72
CA TYR A 520 -7.61 -17.75 7.50
C TYR A 520 -6.58 -17.38 6.47
N GLN A 521 -5.30 -17.63 6.74
CA GLN A 521 -4.38 -17.42 5.66
C GLN A 521 -3.50 -18.62 5.49
N TYR A 522 -3.17 -19.02 4.28
CA TYR A 522 -2.15 -20.01 4.15
C TYR A 522 -0.99 -19.28 3.48
N LEU A 523 0.17 -19.11 4.10
CA LEU A 523 1.31 -18.49 3.42
C LEU A 523 2.26 -19.51 2.88
N GLY A 524 2.29 -19.65 1.58
CA GLY A 524 3.11 -20.62 0.92
C GLY A 524 4.58 -20.59 1.25
N THR A 525 5.23 -21.48 0.55
CA THR A 525 6.59 -21.70 0.92
C THR A 525 7.43 -20.64 0.17
N ARG A 526 8.45 -20.11 0.84
CA ARG A 526 9.36 -19.13 0.21
C ARG A 526 10.80 -19.45 0.39
N TYR A 527 11.63 -18.96 -0.56
CA TYR A 527 13.11 -18.99 -0.42
C TYR A 527 13.64 -17.65 -0.01
N ASP A 528 14.65 -17.66 0.85
CA ASP A 528 15.27 -16.45 1.39
C ASP A 528 16.77 -16.65 1.58
N LYS A 529 17.34 -15.75 2.36
CA LYS A 529 18.75 -15.94 2.72
C LYS A 529 19.05 -15.77 4.16
N ASP A 530 20.08 -16.49 4.58
CA ASP A 530 20.45 -16.56 5.95
C ASP A 530 21.72 -15.69 6.19
N TYR A 531 21.52 -14.48 6.78
CA TYR A 531 22.53 -13.38 6.89
C TYR A 531 23.33 -13.31 8.19
N SER A 532 22.78 -14.04 9.14
CA SER A 532 23.48 -14.35 10.34
C SER A 532 24.93 -14.56 9.96
N SER A 533 25.12 -15.15 8.79
CA SER A 533 26.46 -15.60 8.49
C SER A 533 26.84 -15.71 7.05
N TYR A 534 28.07 -15.31 6.81
CA TYR A 534 28.61 -15.41 5.51
C TYR A 534 29.19 -16.78 5.36
N PRO A 535 29.17 -17.23 4.13
CA PRO A 535 28.54 -16.42 3.11
C PRO A 535 27.05 -16.62 3.36
N TYR A 536 26.20 -16.04 2.52
CA TYR A 536 24.77 -15.96 2.83
C TYR A 536 24.06 -17.02 2.05
N GLN A 537 23.57 -18.04 2.72
CA GLN A 537 22.95 -19.19 2.04
C GLN A 537 21.45 -18.96 1.86
N THR A 538 20.93 -19.50 0.77
CA THR A 538 19.46 -19.49 0.55
C THR A 538 18.79 -20.55 1.40
N VAL A 539 17.67 -20.16 1.99
CA VAL A 539 16.91 -21.10 2.82
C VAL A 539 15.46 -21.25 2.35
N LYS A 540 14.93 -22.47 2.42
CA LYS A 540 13.53 -22.72 2.03
C LYS A 540 12.60 -22.73 3.22
N MET A 541 11.71 -21.77 3.30
CA MET A 541 10.78 -21.75 4.39
C MET A 541 9.53 -22.52 4.02
N GLY A 542 9.13 -23.46 4.87
CA GLY A 542 7.94 -24.27 4.61
C GLY A 542 6.65 -23.46 4.31
N GLY A 543 6.23 -22.64 5.25
CA GLY A 543 5.02 -21.92 4.99
C GLY A 543 3.94 -22.46 5.82
N VAL A 544 2.97 -21.62 6.16
CA VAL A 544 1.99 -22.04 7.10
C VAL A 544 0.56 -21.64 6.86
N SER A 545 -0.30 -22.08 7.79
CA SER A 545 -1.65 -21.63 7.87
C SER A 545 -1.74 -20.82 9.12
N LEU A 546 -2.39 -19.68 9.05
CA LEU A 546 -2.70 -18.85 10.19
C LEU A 546 -4.22 -18.58 10.39
N TRP A 547 -4.67 -18.33 11.62
CA TRP A 547 -6.06 -18.18 11.92
C TRP A 547 -6.15 -17.06 12.92
N ASP A 548 -7.02 -16.09 12.67
CA ASP A 548 -7.34 -15.07 13.66
C ASP A 548 -8.84 -15.09 13.85
N LEU A 549 -9.28 -14.74 15.03
CA LEU A 549 -10.69 -14.70 15.31
C LEU A 549 -11.10 -13.36 15.86
N ALA A 550 -12.22 -12.82 15.42
CA ALA A 550 -12.64 -11.55 15.99
C ALA A 550 -14.12 -11.37 16.27
N VAL A 551 -14.42 -10.51 17.23
CA VAL A 551 -15.80 -10.28 17.60
C VAL A 551 -16.02 -8.89 18.13
N ALA A 552 -17.16 -8.35 17.74
CA ALA A 552 -17.66 -7.13 18.32
C ALA A 552 -19.13 -7.20 18.72
N TYR A 553 -19.51 -6.29 19.61
CA TYR A 553 -20.81 -6.32 20.22
C TYR A 553 -21.18 -4.95 20.72
N PRO A 554 -22.32 -4.50 20.27
CA PRO A 554 -22.80 -3.14 20.57
C PRO A 554 -23.41 -3.23 21.93
N VAL A 555 -22.69 -2.81 22.95
CA VAL A 555 -23.25 -2.77 24.28
C VAL A 555 -24.49 -1.87 24.26
N THR A 556 -24.43 -0.74 23.56
CA THR A 556 -25.60 0.11 23.57
C THR A 556 -26.13 0.52 22.22
N SER A 557 -25.74 1.70 21.82
CA SER A 557 -26.03 2.16 20.51
C SER A 557 -24.86 3.00 20.31
N HIS A 558 -24.24 3.33 21.43
CA HIS A 558 -23.03 4.16 21.39
C HIS A 558 -21.71 3.44 21.68
N LEU A 559 -21.75 2.47 22.56
CA LEU A 559 -20.61 1.68 22.87
C LEU A 559 -20.58 0.42 22.10
N THR A 560 -19.44 0.14 21.50
CA THR A 560 -19.18 -1.20 21.00
C THR A 560 -17.85 -1.79 21.49
N VAL A 561 -17.88 -2.99 22.05
CA VAL A 561 -16.69 -3.61 22.60
C VAL A 561 -16.24 -4.72 21.70
N ARG A 562 -14.95 -4.89 21.47
CA ARG A 562 -14.50 -5.95 20.56
C ARG A 562 -13.36 -6.63 21.24
N GLY A 563 -12.93 -7.74 20.70
CA GLY A 563 -11.80 -8.41 21.26
C GLY A 563 -11.33 -9.12 20.05
N LYS A 564 -10.11 -9.65 20.06
CA LYS A 564 -9.55 -10.35 18.92
C LYS A 564 -8.50 -11.33 19.39
N ILE A 565 -8.39 -12.47 18.73
CA ILE A 565 -7.29 -13.38 19.01
C ILE A 565 -6.70 -13.45 17.65
N ALA A 566 -5.44 -13.08 17.60
CA ALA A 566 -4.72 -13.20 16.37
C ALA A 566 -3.73 -14.32 16.49
N ASN A 567 -3.59 -15.10 15.41
CA ASN A 567 -2.82 -16.36 15.37
C ASN A 567 -3.35 -17.22 16.44
N LEU A 568 -4.58 -17.68 16.28
CA LEU A 568 -5.36 -18.25 17.35
C LEU A 568 -4.80 -19.57 17.82
N PHE A 569 -4.27 -20.31 16.89
CA PHE A 569 -3.43 -21.48 17.24
C PHE A 569 -2.08 -20.88 17.63
N ASP A 570 -1.01 -21.58 17.86
CA ASP A 570 0.09 -20.72 18.24
C ASP A 570 1.19 -20.77 17.24
N LYS A 571 0.89 -20.45 15.98
CA LYS A 571 1.81 -20.87 14.96
C LYS A 571 3.04 -20.06 14.90
N ASP A 572 4.17 -20.78 14.99
CA ASP A 572 5.46 -20.14 14.93
C ASP A 572 5.92 -20.12 13.49
N TYR A 573 6.20 -18.94 12.97
CA TYR A 573 6.69 -18.84 11.61
C TYR A 573 7.41 -17.52 11.43
N GLU A 574 8.06 -17.34 10.29
CA GLU A 574 8.73 -16.06 9.98
C GLU A 574 8.45 -15.50 8.57
N THR A 575 8.45 -14.21 8.33
CA THR A 575 8.13 -13.86 6.93
C THR A 575 9.43 -13.53 6.39
N VAL A 576 10.36 -13.41 7.32
CA VAL A 576 11.73 -13.05 6.98
C VAL A 576 12.71 -13.87 7.87
N TYR A 577 13.51 -14.75 7.27
CA TYR A 577 14.28 -15.76 7.99
C TYR A 577 15.09 -15.19 9.11
N GLY A 578 14.85 -15.57 10.34
CA GLY A 578 15.63 -15.00 11.42
C GLY A 578 14.92 -13.92 12.23
N TYR A 579 13.81 -13.41 11.75
CA TYR A 579 13.15 -12.39 12.54
C TYR A 579 11.97 -13.09 13.10
N GLN A 580 11.90 -13.29 14.42
CA GLN A 580 10.68 -13.83 15.01
C GLN A 580 9.39 -12.97 14.92
N THR A 581 8.27 -13.62 14.54
CA THR A 581 6.92 -13.04 14.54
C THR A 581 6.14 -13.22 15.84
N ALA A 582 5.06 -12.46 15.87
CA ALA A 582 4.26 -12.29 17.08
C ALA A 582 3.90 -13.56 17.85
N GLY A 583 3.08 -14.40 17.26
CA GLY A 583 2.50 -15.42 18.11
C GLY A 583 1.11 -14.99 18.45
N ARG A 584 0.46 -15.70 19.36
CA ARG A 584 -0.97 -15.46 19.48
C ARG A 584 -1.16 -14.28 20.36
N GLU A 585 -1.76 -13.24 19.81
CA GLU A 585 -2.05 -12.08 20.63
C GLU A 585 -3.51 -11.86 20.82
N TYR A 586 -3.79 -11.29 21.98
CA TYR A 586 -5.10 -11.01 22.47
C TYR A 586 -5.20 -9.53 22.36
N THR A 587 -6.39 -9.04 22.08
CA THR A 587 -6.70 -7.61 22.07
C THR A 587 -8.16 -7.39 22.49
N LEU A 588 -8.38 -6.37 23.30
CA LEU A 588 -9.68 -6.12 23.79
C LEU A 588 -9.76 -4.67 23.53
N SER A 589 -10.85 -4.22 22.94
CA SER A 589 -10.93 -2.87 22.53
C SER A 589 -12.32 -2.35 22.61
N GLY A 590 -12.48 -1.03 22.52
CA GLY A 590 -13.78 -0.39 22.53
C GLY A 590 -13.84 0.95 21.84
N SER A 591 -15.06 1.39 21.56
CA SER A 591 -15.27 2.69 20.95
C SER A 591 -16.59 3.26 21.32
N TYR A 592 -16.65 4.59 21.42
CA TYR A 592 -17.81 5.27 21.93
C TYR A 592 -18.13 6.47 21.11
N THR A 593 -19.17 6.37 20.33
CA THR A 593 -19.57 7.45 19.43
C THR A 593 -20.67 8.29 20.03
N PHE A 594 -20.52 9.58 20.03
CA PHE A 594 -21.61 10.38 20.50
C PHE A 594 -21.71 11.64 19.66
CA CA B . 16.03 -7.50 20.37
CA CA C . 16.77 -3.86 20.44
CA CA D . -25.03 -6.70 -17.96
CA CA E . 28.05 -10.00 -12.98
C1 C8E F . -1.43 13.77 -23.66
C2 C8E F . -0.13 13.10 -23.29
C3 C8E F . 0.10 11.92 -24.24
C4 C8E F . 0.90 10.84 -23.51
C5 C8E F . 1.09 9.59 -24.37
C6 C8E F . 2.51 9.08 -24.38
C7 C8E F . 2.72 7.99 -23.36
C8 C8E F . 4.03 7.29 -23.71
O9 C8E F . 4.03 7.10 -25.09
C10 C8E F . 3.34 5.94 -25.40
C11 C8E F . 4.18 4.80 -24.87
O12 C8E F . 5.51 5.07 -25.21
C13 C8E F . 5.55 5.07 -26.60
C14 C8E F . 6.42 6.27 -26.73
O15 C8E F . 7.59 5.59 -26.87
C16 C8E F . 8.01 5.85 -28.17
C17 C8E F . 8.70 7.21 -28.10
O18 C8E F . 8.72 7.75 -29.41
C19 C8E F . 9.46 8.90 -29.27
C20 C8E F . 10.02 9.29 -30.59
O21 C8E F . 10.22 10.64 -30.33
C1 C8E G . -15.78 -18.69 -18.07
C2 C8E G . -17.14 -18.29 -17.59
C3 C8E G . -18.21 -19.18 -18.25
C4 C8E G . -19.63 -18.65 -18.02
C5 C8E G . -20.76 -19.58 -18.43
C6 C8E G . -22.12 -19.01 -17.96
C7 C8E G . -23.12 -19.31 -19.07
C8 C8E G . -24.57 -19.24 -18.64
O9 C8E G . -24.54 -19.04 -17.25
C10 C8E G . -25.81 -18.77 -16.67
C11 C8E G . -26.93 -19.05 -17.68
O12 C8E G . -28.14 -19.23 -16.97
C13 C8E G . -28.49 -20.59 -16.78
C14 C8E G . -28.23 -20.94 -15.31
O15 C8E G . -29.42 -20.94 -14.55
C16 C8E G . -30.37 -20.00 -15.03
C17 C8E G . -30.97 -19.25 -13.85
O18 C8E G . -31.95 -18.41 -14.38
C19 C8E G . -33.19 -18.61 -13.73
C20 C8E G . -34.36 -18.76 -14.74
O21 C8E G . -33.90 -18.98 -16.06
C1 C8E H . -10.86 -21.31 -10.79
C2 C8E H . -11.23 -22.25 -11.93
C3 C8E H . -12.73 -22.38 -11.94
C4 C8E H . -13.36 -21.27 -12.74
C5 C8E H . -13.54 -20.11 -11.83
C6 C8E H . -14.18 -20.63 -10.60
C7 C8E H . -14.47 -19.48 -9.69
C8 C8E H . -13.32 -19.46 -8.71
O9 C8E H . -13.79 -18.92 -7.51
C10 C8E H . -13.15 -19.58 -6.45
C11 C8E H . -11.70 -19.18 -6.25
O12 C8E H . -11.21 -19.50 -4.97
C13 C8E H . -10.16 -20.43 -5.09
C14 C8E H . -10.11 -20.87 -6.54
O15 C8E H . -9.23 -21.95 -6.76
C16 C8E H . -9.53 -22.41 -8.05
C17 C8E H . -8.51 -22.12 -9.15
O18 C8E H . -7.14 -22.17 -8.81
C19 C8E H . -6.56 -22.63 -10.03
C20 C8E H . -5.12 -22.23 -10.37
O21 C8E H . -4.72 -22.64 -11.67
C1 C8E I . -8.81 10.16 -26.18
C2 C8E I . -7.72 9.11 -25.94
C3 C8E I . -8.35 7.74 -25.63
C4 C8E I . -7.32 6.62 -25.46
C5 C8E I . -6.32 6.99 -24.37
C6 C8E I . -5.50 5.77 -24.01
C7 C8E I . -5.31 4.95 -25.25
C8 C8E I . -3.99 4.21 -25.08
O9 C8E I . -3.96 3.08 -25.92
C10 C8E I . -5.30 2.75 -26.25
C11 C8E I . -5.27 2.40 -27.72
O12 C8E I . -5.02 1.03 -27.94
C13 C8E I . -6.28 0.39 -28.14
C14 C8E I . -7.24 1.42 -28.76
O15 C8E I . -8.63 1.03 -28.71
C16 C8E I . -9.26 1.45 -27.52
C17 C8E I . -8.48 2.58 -26.88
O18 C8E I . -9.06 2.76 -25.61
C19 C8E I . -10.35 3.36 -25.63
C20 C8E I . -10.22 4.29 -24.44
O21 C8E I . -11.45 4.41 -23.81
C1 C8E J . -7.76 -17.38 -18.43
C2 C8E J . -7.25 -17.65 -17.02
C3 C8E J . -6.14 -18.68 -16.99
C4 C8E J . -6.50 -19.70 -15.91
C5 C8E J . -5.36 -20.28 -15.06
C6 C8E J . -5.56 -21.75 -14.74
C7 C8E J . -5.59 -22.56 -16.03
C8 C8E J . -4.19 -22.68 -16.63
O9 C8E J . -4.25 -23.44 -17.82
C10 C8E J . -2.97 -23.88 -18.21
C11 C8E J . -2.02 -23.53 -17.08
O12 C8E J . -1.05 -22.66 -17.56
C13 C8E J . 0.21 -22.87 -16.98
C14 C8E J . 0.73 -21.50 -16.52
O15 C8E J . 0.16 -21.23 -15.27
C16 C8E J . 0.56 -19.96 -14.88
C17 C8E J . 0.53 -19.06 -16.11
O18 C8E J . -0.04 -17.85 -15.63
C19 C8E J . -0.03 -16.79 -16.58
C20 C8E J . 1.12 -16.93 -17.56
O21 C8E J . 0.68 -16.82 -18.90
C1 C8E K . -1.83 7.03 -26.40
C2 C8E K . -1.46 6.01 -27.47
C3 C8E K . -0.06 5.50 -27.20
C4 C8E K . 0.23 4.27 -28.03
C5 C8E K . 1.24 3.40 -27.30
C6 C8E K . 1.46 2.16 -28.14
C7 C8E K . 2.29 2.40 -29.38
C8 C8E K . 3.78 2.29 -29.08
O9 C8E K . 4.46 2.18 -30.32
C10 C8E K . 5.41 1.12 -30.41
C11 C8E K . 6.21 0.76 -29.10
O12 C8E K . 7.64 0.80 -29.27
C13 C8E K . 7.91 2.11 -29.79
C14 C8E K . 9.05 2.24 -30.83
O15 C8E K . 8.50 2.17 -32.13
C16 C8E K . 9.36 1.38 -32.92
C17 C8E K . 10.82 1.79 -32.70
O18 C8E K . 11.52 1.47 -33.89
C19 C8E K . 12.68 2.24 -34.15
C20 C8E K . 13.89 1.66 -33.42
O21 C8E K . 14.91 2.61 -33.66
#